data_6DUU
#
_entry.id   6DUU
#
_entity_poly.entity_id   1
_entity_poly.type   'polypeptide(L)'
_entity_poly.pdbx_seq_one_letter_code
;FLPIIINLKALAALAKKIL(NH2)
;
_entity_poly.pdbx_strand_id   A
#
# COMPACT_ATOMS: atom_id res chain seq x y z
N PHE A 1 12.07 7.25 -3.92
CA PHE A 1 12.55 6.70 -2.63
C PHE A 1 11.53 5.68 -2.11
N LEU A 2 10.56 5.30 -2.94
CA LEU A 2 9.56 4.33 -2.55
C LEU A 2 9.63 3.10 -3.47
N PRO A 3 10.14 2.00 -2.99
CA PRO A 3 10.25 0.76 -3.81
C PRO A 3 8.89 0.29 -4.34
N ILE A 4 8.92 -0.36 -5.49
CA ILE A 4 7.70 -0.85 -6.13
C ILE A 4 7.00 -1.88 -5.25
N ILE A 5 7.75 -2.53 -4.39
CA ILE A 5 7.18 -3.56 -3.52
C ILE A 5 6.17 -2.96 -2.55
N ILE A 6 6.45 -1.76 -2.05
CA ILE A 6 5.55 -1.14 -1.10
C ILE A 6 4.22 -0.75 -1.76
N ASN A 7 4.24 -0.61 -3.08
CA ASN A 7 3.02 -0.25 -3.79
C ASN A 7 1.94 -1.27 -3.51
N LEU A 8 2.34 -2.53 -3.52
CA LEU A 8 1.43 -3.63 -3.25
C LEU A 8 0.85 -3.49 -1.86
N LYS A 9 1.75 -3.37 -0.90
CA LYS A 9 1.35 -3.24 0.50
C LYS A 9 0.60 -1.94 0.70
N ALA A 10 1.10 -0.90 0.05
CA ALA A 10 0.49 0.41 0.12
C ALA A 10 -0.96 0.32 -0.32
N LEU A 11 -1.19 -0.39 -1.43
CA LEU A 11 -2.54 -0.56 -1.96
C LEU A 11 -3.39 -1.35 -0.98
N ALA A 12 -2.78 -2.37 -0.36
CA ALA A 12 -3.51 -3.18 0.61
C ALA A 12 -3.79 -2.38 1.86
N ALA A 13 -2.78 -1.63 2.33
CA ALA A 13 -2.96 -0.80 3.51
C ALA A 13 -4.06 0.21 3.24
N LEU A 14 -4.05 0.75 2.03
CA LEU A 14 -5.04 1.73 1.61
C LEU A 14 -6.45 1.18 1.82
N ALA A 15 -6.71 -0.01 1.29
CA ALA A 15 -8.03 -0.61 1.40
C ALA A 15 -8.47 -0.68 2.86
N LYS A 16 -7.55 -1.08 3.72
CA LYS A 16 -7.83 -1.17 5.13
C LYS A 16 -7.81 0.21 5.78
N LYS A 17 -7.20 1.16 5.10
CA LYS A 17 -7.08 2.52 5.62
C LYS A 17 -8.40 3.28 5.54
N ILE A 18 -9.06 3.25 4.39
CA ILE A 18 -10.32 3.97 4.24
C ILE A 18 -11.47 3.27 4.94
N LEU A 19 -11.23 2.04 5.39
CA LEU A 19 -12.25 1.27 6.09
C LEU A 19 -11.60 0.26 7.02
N PHE A 1 12.32 6.43 -4.30
CA PHE A 1 12.04 6.52 -2.83
C PHE A 1 10.71 5.82 -2.51
N LEU A 2 9.98 5.41 -3.55
CA LEU A 2 8.72 4.71 -3.38
C LEU A 2 8.84 3.30 -3.98
N PRO A 3 9.44 2.38 -3.26
CA PRO A 3 9.63 0.99 -3.75
C PRO A 3 8.31 0.35 -4.18
N ILE A 4 8.34 -0.29 -5.33
CA ILE A 4 7.14 -0.93 -5.87
C ILE A 4 6.77 -2.19 -5.08
N ILE A 5 7.73 -2.75 -4.38
CA ILE A 5 7.48 -3.96 -3.61
C ILE A 5 6.51 -3.65 -2.46
N ILE A 6 6.68 -2.50 -1.82
CA ILE A 6 5.81 -2.11 -0.72
C ILE A 6 4.57 -1.40 -1.23
N ASN A 7 4.63 -0.91 -2.46
CA ASN A 7 3.47 -0.21 -3.03
C ASN A 7 2.24 -1.11 -2.99
N LEU A 8 2.44 -2.36 -3.35
CA LEU A 8 1.36 -3.33 -3.35
C LEU A 8 0.73 -3.40 -1.96
N LYS A 9 1.59 -3.53 -0.96
CA LYS A 9 1.12 -3.59 0.43
C LYS A 9 0.61 -2.22 0.83
N ALA A 10 1.34 -1.19 0.41
CA ALA A 10 0.95 0.17 0.71
C ALA A 10 -0.48 0.40 0.22
N LEU A 11 -0.76 -0.06 -0.99
CA LEU A 11 -2.09 0.07 -1.57
C LEU A 11 -3.08 -0.69 -0.70
N ALA A 12 -2.73 -1.92 -0.37
CA ALA A 12 -3.59 -2.72 0.49
C ALA A 12 -3.81 -1.99 1.80
N ALA A 13 -2.73 -1.44 2.34
CA ALA A 13 -2.83 -0.70 3.60
C ALA A 13 -3.80 0.45 3.41
N LEU A 14 -3.66 1.15 2.29
CA LEU A 14 -4.54 2.24 1.97
C LEU A 14 -5.97 1.73 1.91
N ALA A 15 -6.17 0.68 1.11
CA ALA A 15 -7.51 0.10 0.95
C ALA A 15 -8.07 -0.30 2.30
N LYS A 16 -7.28 -1.02 3.08
CA LYS A 16 -7.73 -1.47 4.39
C LYS A 16 -7.92 -0.27 5.32
N LYS A 17 -7.31 0.85 4.98
CA LYS A 17 -7.44 2.05 5.80
C LYS A 17 -8.74 2.77 5.48
N ILE A 18 -9.02 2.91 4.19
CA ILE A 18 -10.25 3.59 3.77
C ILE A 18 -11.42 2.63 3.70
N LEU A 19 -11.11 1.35 3.59
CA LEU A 19 -12.15 0.33 3.49
C LEU A 19 -11.68 -0.99 4.09
N PHE A 1 12.90 6.49 -3.67
CA PHE A 1 13.86 5.38 -3.41
C PHE A 1 13.12 4.22 -2.74
N LEU A 2 11.89 3.99 -3.16
CA LEU A 2 11.09 2.90 -2.61
C LEU A 2 10.75 1.88 -3.70
N PRO A 3 10.88 0.61 -3.40
CA PRO A 3 10.56 -0.48 -4.36
C PRO A 3 9.06 -0.53 -4.66
N ILE A 4 8.71 -0.87 -5.90
CA ILE A 4 7.31 -0.93 -6.29
C ILE A 4 6.51 -1.85 -5.37
N ILE A 5 7.20 -2.69 -4.62
CA ILE A 5 6.55 -3.61 -3.71
C ILE A 5 5.80 -2.88 -2.60
N ILE A 6 6.38 -1.78 -2.12
CA ILE A 6 5.74 -1.03 -1.04
C ILE A 6 4.48 -0.35 -1.53
N ASN A 7 4.44 -0.03 -2.81
CA ASN A 7 3.26 0.62 -3.38
C ASN A 7 2.05 -0.26 -3.13
N LEU A 8 2.21 -1.55 -3.37
CA LEU A 8 1.13 -2.52 -3.16
C LEU A 8 0.59 -2.36 -1.76
N LYS A 9 1.50 -2.39 -0.80
CA LYS A 9 1.15 -2.25 0.61
C LYS A 9 0.61 -0.86 0.86
N ALA A 10 1.25 0.11 0.23
CA ALA A 10 0.82 1.49 0.36
C ALA A 10 -0.65 1.58 -0.01
N LEU A 11 -1.02 0.93 -1.10
CA LEU A 11 -2.41 0.91 -1.53
C LEU A 11 -3.22 0.14 -0.50
N ALA A 12 -2.64 -0.95 -0.01
CA ALA A 12 -3.31 -1.77 0.99
C ALA A 12 -3.62 -0.91 2.22
N ALA A 13 -2.69 -0.07 2.60
CA ALA A 13 -2.89 0.81 3.75
C ALA A 13 -4.14 1.65 3.51
N LEU A 14 -4.38 1.96 2.25
CA LEU A 14 -5.55 2.73 1.88
C LEU A 14 -6.74 1.77 1.81
N ALA A 15 -6.54 0.66 1.12
CA ALA A 15 -7.58 -0.34 0.96
C ALA A 15 -8.12 -0.78 2.32
N LYS A 16 -7.23 -1.02 3.27
CA LYS A 16 -7.65 -1.45 4.60
C LYS A 16 -8.33 -0.31 5.34
N LYS A 17 -8.11 0.92 4.89
CA LYS A 17 -8.74 2.07 5.53
C LYS A 17 -10.24 1.96 5.36
N ILE A 18 -10.65 1.63 4.15
CA ILE A 18 -12.05 1.48 3.83
C ILE A 18 -12.44 0.02 3.95
N LEU A 19 -11.47 -0.81 4.31
CA LEU A 19 -11.69 -2.24 4.47
C LEU A 19 -12.19 -2.85 3.16
N PHE A 1 11.04 6.47 -3.51
CA PHE A 1 12.10 5.63 -2.90
C PHE A 1 11.51 4.30 -2.43
N LEU A 2 10.19 4.23 -2.32
CA LEU A 2 9.53 3.00 -1.88
C LEU A 2 9.50 1.99 -3.02
N PRO A 3 10.19 0.88 -2.88
CA PRO A 3 10.21 -0.16 -3.94
C PRO A 3 8.82 -0.58 -4.37
N ILE A 4 8.70 -1.07 -5.60
CA ILE A 4 7.42 -1.48 -6.15
C ILE A 4 6.71 -2.47 -5.23
N ILE A 5 7.47 -3.26 -4.49
CA ILE A 5 6.87 -4.25 -3.61
C ILE A 5 6.08 -3.59 -2.49
N ILE A 6 6.61 -2.50 -1.93
CA ILE A 6 5.95 -1.81 -0.83
C ILE A 6 4.76 -0.98 -1.32
N ASN A 7 4.82 -0.53 -2.55
CA ASN A 7 3.74 0.28 -3.10
C ASN A 7 2.43 -0.49 -2.99
N LEU A 8 2.49 -1.77 -3.32
CA LEU A 8 1.32 -2.64 -3.25
C LEU A 8 0.77 -2.64 -1.83
N LYS A 9 1.68 -2.81 -0.89
CA LYS A 9 1.31 -2.84 0.52
C LYS A 9 0.84 -1.47 0.93
N ALA A 10 1.57 -0.45 0.48
CA ALA A 10 1.21 0.92 0.77
C ALA A 10 -0.22 1.16 0.33
N LEU A 11 -0.54 0.65 -0.85
CA LEU A 11 -1.89 0.78 -1.39
C LEU A 11 -2.84 -0.07 -0.57
N ALA A 12 -2.41 -1.29 -0.25
CA ALA A 12 -3.24 -2.18 0.55
C ALA A 12 -3.57 -1.50 1.86
N ALA A 13 -2.55 -0.87 2.46
CA ALA A 13 -2.74 -0.15 3.71
C ALA A 13 -3.78 0.95 3.52
N LEU A 14 -3.82 1.51 2.31
CA LEU A 14 -4.76 2.56 1.99
C LEU A 14 -6.16 1.97 1.84
N ALA A 15 -6.26 0.98 0.97
CA ALA A 15 -7.54 0.32 0.71
C ALA A 15 -8.13 -0.23 2.00
N LYS A 16 -7.33 -0.93 2.77
CA LYS A 16 -7.81 -1.53 4.02
C LYS A 16 -8.17 -0.45 5.04
N LYS A 17 -7.67 0.76 4.86
CA LYS A 17 -7.98 1.84 5.78
C LYS A 17 -9.43 2.25 5.62
N ILE A 18 -9.87 2.36 4.37
CA ILE A 18 -11.24 2.73 4.07
C ILE A 18 -12.08 1.47 3.92
N LEU A 19 -11.42 0.33 4.02
CA LEU A 19 -12.08 -0.96 3.90
C LEU A 19 -12.68 -1.15 2.52
N PHE A 1 10.59 7.15 -2.55
CA PHE A 1 11.83 6.34 -2.53
C PHE A 1 11.52 4.95 -2.00
N LEU A 2 10.26 4.52 -2.12
CA LEU A 2 9.84 3.21 -1.66
C LEU A 2 9.77 2.25 -2.84
N PRO A 3 10.41 1.11 -2.75
CA PRO A 3 10.39 0.11 -3.86
C PRO A 3 8.96 -0.27 -4.25
N ILE A 4 8.79 -0.59 -5.51
CA ILE A 4 7.48 -0.97 -6.03
C ILE A 4 6.85 -2.08 -5.20
N ILE A 5 7.67 -2.85 -4.52
CA ILE A 5 7.17 -3.96 -3.71
C ILE A 5 6.33 -3.46 -2.54
N ILE A 6 6.74 -2.37 -1.90
CA ILE A 6 5.99 -1.85 -0.76
C ILE A 6 4.67 -1.24 -1.20
N ASN A 7 4.64 -0.76 -2.43
CA ASN A 7 3.41 -0.14 -2.96
C ASN A 7 2.26 -1.13 -2.93
N LEU A 8 2.53 -2.36 -3.36
CA LEU A 8 1.52 -3.41 -3.37
C LEU A 8 0.85 -3.47 -2.00
N LYS A 9 1.70 -3.51 -0.98
CA LYS A 9 1.23 -3.58 0.40
C LYS A 9 0.62 -2.24 0.77
N ALA A 10 1.28 -1.17 0.37
CA ALA A 10 0.79 0.17 0.64
C ALA A 10 -0.64 0.30 0.12
N LEU A 11 -0.84 -0.17 -1.10
CA LEU A 11 -2.17 -0.12 -1.72
C LEU A 11 -3.16 -0.91 -0.88
N ALA A 12 -2.70 -2.03 -0.34
CA ALA A 12 -3.55 -2.86 0.51
C ALA A 12 -3.81 -2.12 1.82
N ALA A 13 -2.76 -1.54 2.37
CA ALA A 13 -2.89 -0.77 3.60
C ALA A 13 -3.85 0.37 3.37
N LEU A 14 -3.67 1.06 2.25
CA LEU A 14 -4.53 2.16 1.88
C LEU A 14 -5.97 1.68 1.80
N ALA A 15 -6.18 0.59 1.06
CA ALA A 15 -7.51 0.02 0.92
C ALA A 15 -8.08 -0.28 2.30
N LYS A 16 -7.26 -0.84 3.17
CA LYS A 16 -7.71 -1.18 4.51
C LYS A 16 -7.83 0.08 5.36
N LYS A 17 -7.15 1.15 4.94
CA LYS A 17 -7.22 2.40 5.69
C LYS A 17 -8.61 3.00 5.54
N ILE A 18 -9.14 2.92 4.33
CA ILE A 18 -10.47 3.46 4.05
C ILE A 18 -11.53 2.37 4.18
N LEU A 19 -11.07 1.13 4.38
CA LEU A 19 -11.97 0.00 4.53
C LEU A 19 -11.28 -1.12 5.31
N PHE A 1 11.61 5.36 0.71
CA PHE A 1 12.15 4.02 1.05
C PHE A 1 11.05 2.97 0.92
N LEU A 2 10.12 3.19 -0.01
CA LEU A 2 9.04 2.25 -0.23
C LEU A 2 9.15 1.62 -1.62
N PRO A 3 9.92 0.57 -1.75
CA PRO A 3 10.10 -0.12 -3.07
C PRO A 3 8.76 -0.46 -3.72
N ILE A 4 8.77 -0.60 -5.03
CA ILE A 4 7.55 -0.91 -5.77
C ILE A 4 6.85 -2.14 -5.19
N ILE A 5 7.62 -3.03 -4.58
CA ILE A 5 7.03 -4.22 -3.99
C ILE A 5 6.13 -3.87 -2.81
N ILE A 6 6.56 -2.90 -2.01
CA ILE A 6 5.79 -2.48 -0.85
C ILE A 6 4.61 -1.62 -1.26
N ASN A 7 4.66 -1.06 -2.46
CA ASN A 7 3.57 -0.22 -2.94
C ASN A 7 2.28 -1.01 -2.91
N LEU A 8 2.38 -2.23 -3.40
CA LEU A 8 1.24 -3.13 -3.41
C LEU A 8 0.68 -3.25 -2.00
N LYS A 9 1.60 -3.43 -1.07
CA LYS A 9 1.23 -3.55 0.34
C LYS A 9 0.73 -2.20 0.83
N ALA A 10 1.45 -1.16 0.47
CA ALA A 10 1.09 0.19 0.84
C ALA A 10 -0.33 0.47 0.40
N LEU A 11 -0.64 0.10 -0.83
CA LEU A 11 -1.98 0.30 -1.37
C LEU A 11 -2.98 -0.52 -0.55
N ALA A 12 -2.58 -1.74 -0.19
CA ALA A 12 -3.45 -2.60 0.60
C ALA A 12 -3.77 -1.90 1.91
N ALA A 13 -2.74 -1.29 2.52
CA ALA A 13 -2.94 -0.57 3.77
C ALA A 13 -3.93 0.56 3.51
N LEU A 14 -3.71 1.27 2.42
CA LEU A 14 -4.59 2.34 2.04
C LEU A 14 -6.00 1.79 1.90
N ALA A 15 -6.14 0.74 1.11
CA ALA A 15 -7.44 0.11 0.93
C ALA A 15 -8.04 -0.28 2.27
N LYS A 16 -7.20 -0.86 3.12
CA LYS A 16 -7.66 -1.27 4.45
C LYS A 16 -7.95 -0.03 5.30
N LYS A 17 -7.39 1.11 4.90
CA LYS A 17 -7.61 2.35 5.65
C LYS A 17 -8.98 2.91 5.31
N ILE A 18 -9.33 2.86 4.04
CA ILE A 18 -10.62 3.36 3.59
C ILE A 18 -11.65 2.23 3.51
N LEU A 19 -11.16 1.00 3.65
CA LEU A 19 -12.02 -0.18 3.60
C LEU A 19 -11.41 -1.29 4.43
N PHE A 1 11.28 7.46 -2.72
CA PHE A 1 12.28 6.45 -2.27
C PHE A 1 11.56 5.17 -1.83
N LEU A 2 10.28 5.05 -2.19
CA LEU A 2 9.51 3.88 -1.81
C LEU A 2 9.63 2.78 -2.86
N PRO A 3 10.07 1.61 -2.46
CA PRO A 3 10.22 0.46 -3.40
C PRO A 3 8.86 -0.01 -3.91
N ILE A 4 8.80 -0.31 -5.20
CA ILE A 4 7.55 -0.75 -5.82
C ILE A 4 6.95 -1.93 -5.05
N ILE A 5 7.78 -2.63 -4.31
CA ILE A 5 7.30 -3.77 -3.53
C ILE A 5 6.34 -3.30 -2.44
N ILE A 6 6.54 -2.07 -1.98
CA ILE A 6 5.71 -1.52 -0.94
C ILE A 6 4.41 -0.96 -1.53
N ASN A 7 4.44 -0.64 -2.82
CA ASN A 7 3.25 -0.11 -3.48
C ASN A 7 2.11 -1.09 -3.32
N LEU A 8 2.42 -2.35 -3.55
CA LEU A 8 1.44 -3.42 -3.43
C LEU A 8 0.82 -3.38 -2.04
N LYS A 9 1.69 -3.37 -1.04
CA LYS A 9 1.27 -3.32 0.35
C LYS A 9 0.51 -2.03 0.58
N ALA A 10 1.04 -0.97 0.02
CA ALA A 10 0.44 0.34 0.13
C ALA A 10 -1.00 0.30 -0.35
N LEU A 11 -1.23 -0.40 -1.46
CA LEU A 11 -2.57 -0.53 -2.00
C LEU A 11 -3.48 -1.20 -0.98
N ALA A 12 -3.02 -2.31 -0.42
CA ALA A 12 -3.79 -3.02 0.59
C ALA A 12 -3.93 -2.14 1.82
N ALA A 13 -2.84 -1.51 2.19
CA ALA A 13 -2.83 -0.62 3.34
C ALA A 13 -3.83 0.50 3.12
N LEU A 14 -3.92 0.95 1.87
CA LEU A 14 -4.85 2.00 1.52
C LEU A 14 -6.27 1.54 1.81
N ALA A 15 -6.62 0.40 1.25
CA ALA A 15 -7.95 -0.18 1.43
C ALA A 15 -8.20 -0.43 2.91
N LYS A 16 -7.20 -0.95 3.60
CA LYS A 16 -7.33 -1.26 5.01
C LYS A 16 -7.35 0.01 5.87
N LYS A 17 -6.87 1.11 5.33
CA LYS A 17 -6.85 2.35 6.09
C LYS A 17 -8.27 2.72 6.50
N ILE A 18 -9.21 2.57 5.58
CA ILE A 18 -10.60 2.89 5.85
C ILE A 18 -11.38 1.64 6.28
N LEU A 19 -10.73 0.49 6.24
CA LEU A 19 -11.37 -0.75 6.63
C LEU A 19 -10.32 -1.80 7.00
N PHE A 1 7.69 6.32 -4.23
CA PHE A 1 8.60 6.40 -3.06
C PHE A 1 9.00 4.99 -2.64
N LEU A 2 8.10 4.30 -1.96
CA LEU A 2 8.38 2.93 -1.50
C LEU A 2 8.58 1.98 -2.68
N PRO A 3 9.42 0.98 -2.53
CA PRO A 3 9.67 -0.02 -3.59
C PRO A 3 8.38 -0.65 -4.08
N ILE A 4 8.43 -1.19 -5.30
CA ILE A 4 7.27 -1.80 -5.92
C ILE A 4 6.63 -2.85 -5.01
N ILE A 5 7.44 -3.62 -4.31
CA ILE A 5 6.90 -4.65 -3.42
C ILE A 5 6.11 -4.03 -2.28
N ILE A 6 6.63 -2.93 -1.73
CA ILE A 6 5.95 -2.26 -0.63
C ILE A 6 4.84 -1.35 -1.15
N ASN A 7 5.00 -0.90 -2.38
CA ASN A 7 3.99 -0.01 -2.99
C ASN A 7 2.65 -0.69 -2.95
N LEU A 8 2.65 -1.94 -3.33
CA LEU A 8 1.45 -2.75 -3.32
C LEU A 8 0.78 -2.63 -1.96
N LYS A 9 1.56 -2.94 -0.94
CA LYS A 9 1.07 -2.88 0.42
C LYS A 9 0.75 -1.43 0.76
N ALA A 10 1.63 -0.54 0.34
CA ALA A 10 1.43 0.87 0.55
C ALA A 10 0.08 1.29 0.02
N LEU A 11 -0.21 0.85 -1.21
CA LEU A 11 -1.48 1.14 -1.84
C LEU A 11 -2.58 0.32 -1.16
N ALA A 12 -2.27 -0.94 -0.89
CA ALA A 12 -3.23 -1.83 -0.24
C ALA A 12 -3.60 -1.30 1.14
N ALA A 13 -2.66 -0.66 1.81
CA ALA A 13 -2.93 -0.12 3.13
C ALA A 13 -4.11 0.84 3.05
N LEU A 14 -4.19 1.57 1.96
CA LEU A 14 -5.30 2.49 1.74
C LEU A 14 -6.61 1.73 1.86
N ALA A 15 -6.69 0.67 1.08
CA ALA A 15 -7.88 -0.18 1.06
C ALA A 15 -8.23 -0.64 2.46
N LYS A 16 -7.23 -1.16 3.18
CA LYS A 16 -7.47 -1.63 4.54
C LYS A 16 -7.81 -0.44 5.44
N LYS A 17 -7.30 0.73 5.08
CA LYS A 17 -7.54 1.92 5.88
C LYS A 17 -9.00 2.37 5.80
N ILE A 18 -9.54 2.46 4.58
CA ILE A 18 -10.93 2.89 4.42
C ILE A 18 -11.87 1.70 4.33
N LEU A 19 -11.32 0.53 4.04
CA LEU A 19 -12.15 -0.66 3.91
C LEU A 19 -11.38 -1.89 4.37
N PHE A 1 12.38 5.49 -4.51
CA PHE A 1 12.64 5.77 -3.06
C PHE A 1 12.24 4.56 -2.23
N LEU A 2 11.02 4.09 -2.46
CA LEU A 2 10.51 2.92 -1.75
C LEU A 2 10.46 1.74 -2.70
N PRO A 3 10.82 0.56 -2.25
CA PRO A 3 10.79 -0.65 -3.12
C PRO A 3 9.40 -0.88 -3.71
N ILE A 4 9.37 -1.30 -4.96
CA ILE A 4 8.12 -1.53 -5.67
C ILE A 4 7.24 -2.55 -4.95
N ILE A 5 7.81 -3.25 -3.98
CA ILE A 5 7.06 -4.25 -3.24
C ILE A 5 6.07 -3.58 -2.29
N ILE A 6 6.50 -2.50 -1.66
CA ILE A 6 5.65 -1.80 -0.69
C ILE A 6 4.51 -1.08 -1.40
N ASN A 7 4.65 -0.86 -2.69
CA ASN A 7 3.61 -0.17 -3.45
C ASN A 7 2.30 -0.93 -3.29
N LEU A 8 2.39 -2.25 -3.40
CA LEU A 8 1.21 -3.10 -3.25
C LEU A 8 0.65 -2.93 -1.85
N LYS A 9 1.55 -2.97 -0.88
CA LYS A 9 1.16 -2.83 0.52
C LYS A 9 0.62 -1.43 0.74
N ALA A 10 1.29 -0.46 0.14
CA ALA A 10 0.89 0.93 0.25
C ALA A 10 -0.56 1.07 -0.17
N LEU A 11 -0.89 0.46 -1.29
CA LEU A 11 -2.27 0.51 -1.78
C LEU A 11 -3.16 -0.31 -0.87
N ALA A 12 -2.69 -1.51 -0.53
CA ALA A 12 -3.45 -2.39 0.35
C ALA A 12 -3.70 -1.70 1.67
N ALA A 13 -2.67 -1.07 2.22
CA ALA A 13 -2.80 -0.36 3.48
C ALA A 13 -3.88 0.71 3.31
N LEU A 14 -3.81 1.43 2.20
CA LEU A 14 -4.79 2.45 1.91
C LEU A 14 -6.17 1.82 1.86
N ALA A 15 -6.30 0.82 1.00
CA ALA A 15 -7.57 0.11 0.83
C ALA A 15 -8.08 -0.45 2.17
N LYS A 16 -7.20 -1.12 2.90
CA LYS A 16 -7.60 -1.70 4.18
C LYS A 16 -7.85 -0.62 5.23
N LYS A 17 -7.33 0.58 5.00
CA LYS A 17 -7.50 1.66 5.95
C LYS A 17 -8.92 2.22 5.90
N ILE A 18 -9.43 2.50 4.70
CA ILE A 18 -10.78 3.06 4.57
C ILE A 18 -11.83 1.99 4.32
N LEU A 19 -11.40 0.77 4.00
CA LEU A 19 -12.35 -0.30 3.74
C LEU A 19 -11.76 -1.66 4.09
N PHE A 1 12.48 6.40 -3.12
CA PHE A 1 13.15 5.21 -2.55
C PHE A 1 12.09 4.18 -2.14
N LEU A 2 10.95 4.21 -2.83
CA LEU A 2 9.87 3.29 -2.54
C LEU A 2 9.70 2.28 -3.68
N PRO A 3 10.25 1.10 -3.57
CA PRO A 3 10.12 0.06 -4.61
C PRO A 3 8.66 -0.26 -4.92
N ILE A 4 8.40 -0.74 -6.13
CA ILE A 4 7.05 -1.06 -6.56
C ILE A 4 6.37 -2.03 -5.58
N ILE A 5 7.16 -2.81 -4.88
CA ILE A 5 6.61 -3.77 -3.93
C ILE A 5 5.90 -3.04 -2.79
N ILE A 6 6.43 -1.87 -2.41
CA ILE A 6 5.84 -1.12 -1.32
C ILE A 6 4.49 -0.56 -1.74
N ASN A 7 4.30 -0.38 -3.04
CA ASN A 7 3.03 0.14 -3.54
C ASN A 7 1.89 -0.76 -3.07
N LEU A 8 2.12 -2.06 -3.17
CA LEU A 8 1.14 -3.04 -2.75
C LEU A 8 0.73 -2.76 -1.31
N LYS A 9 1.76 -2.65 -0.47
CA LYS A 9 1.55 -2.38 0.94
C LYS A 9 0.94 -1.00 1.10
N ALA A 10 1.48 -0.06 0.34
CA ALA A 10 1.00 1.30 0.35
C ALA A 10 -0.49 1.33 0.00
N LEU A 11 -0.83 0.60 -1.06
CA LEU A 11 -2.22 0.53 -1.48
C LEU A 11 -3.04 -0.12 -0.38
N ALA A 12 -2.52 -1.24 0.13
CA ALA A 12 -3.19 -1.94 1.21
C ALA A 12 -3.37 -1.01 2.40
N ALA A 13 -2.32 -0.27 2.74
CA ALA A 13 -2.39 0.66 3.87
C ALA A 13 -3.52 1.66 3.62
N LEU A 14 -3.70 2.03 2.37
CA LEU A 14 -4.74 2.97 2.00
C LEU A 14 -6.09 2.27 1.95
N ALA A 15 -6.15 1.20 1.16
CA ALA A 15 -7.37 0.43 0.98
C ALA A 15 -7.90 -0.15 2.28
N LYS A 16 -7.03 -0.71 3.10
CA LYS A 16 -7.48 -1.32 4.36
C LYS A 16 -8.22 -0.34 5.26
N LYS A 17 -8.05 0.95 5.03
CA LYS A 17 -8.76 1.94 5.86
C LYS A 17 -10.23 1.89 5.51
N ILE A 18 -10.51 1.86 4.22
CA ILE A 18 -11.88 1.83 3.74
C ILE A 18 -12.31 0.39 3.46
N LEU A 19 -11.43 -0.56 3.71
CA LEU A 19 -11.72 -1.96 3.46
C LEU A 19 -10.92 -2.85 4.40
#